data_1RL4
#
_entry.id   1RL4
#
_cell.length_a   102.317
_cell.length_b   102.317
_cell.length_c   118.339
_cell.angle_alpha   90.00
_cell.angle_beta   90.00
_cell.angle_gamma   120.00
#
_symmetry.space_group_name_H-M   'P 65'
#
loop_
_entity.id
_entity.type
_entity.pdbx_description
1 polymer 'formylmethionine deformylase'
2 non-polymer 'COBALT (II) ION'
3 non-polymer '(2R)-2-{[FORMYL(HYDROXY)AMINO]METHYL}HEXANOIC ACID'
4 non-polymer "2-{N'-[2-(5-AMINO-1-PHENYLCARBAMOYL-PENTYLCARBAMOYL)-HEXYL]-HYDRAZINOMETHYL}-HEXANOIC ACID(5-AMINO-1-PHENYLCARBAMOYL-PENTYL)-AMIDE"
5 water water
#
_entity_poly.entity_id   1
_entity_poly.type   'polypeptide(L)'
_entity_poly.pdbx_seq_one_letter_code
;MSKNEKDEIKIVKYPDPILRRRSEEVTNFDDNLKRVVRKMFDIMYESKGIGLSAPQVNISKRIIVWNALYEKRKEENERI
FINPSIVEQSLVKLKLIEGCLSFPGIEGKVERPSIVSISYYDINGYKHLKILKGIHSRIFQHEFDHLNGTLFIDKMTQVD
KKKVRPKLNELIRDYKATHSLEHHHHHH
;
_entity_poly.pdbx_strand_id   A,B
#
loop_
_chem_comp.id
_chem_comp.type
_chem_comp.name
_chem_comp.formula
BL5 non-polymer '2-{N'-[2-(5-AMINO-1-PHENYLCARBAMOYL-PENTYLCARBAMOYL)-HEXYL]-HYDRAZINOMETHYL}-HEXANOIC ACID(5-AMINO-1-PHENYLCARBAMOYL-PENTYL)-AMIDE' 'C38 H62 N8 O4'
BRR non-polymer '(2R)-2-{[FORMYL(HYDROXY)AMINO]METHYL}HEXANOIC ACID' 'C8 H15 N O4'
CO non-polymer 'COBALT (II) ION' 'Co 2'
#
# COMPACT_ATOMS: atom_id res chain seq x y z
N LYS A 10 2.64 27.49 -20.98
CA LYS A 10 1.78 26.63 -21.84
C LYS A 10 1.79 25.14 -21.44
N ILE A 11 0.66 24.48 -21.62
CA ILE A 11 0.55 23.08 -21.30
C ILE A 11 0.56 22.22 -22.57
N VAL A 12 1.26 21.10 -22.57
CA VAL A 12 1.29 20.27 -23.76
C VAL A 12 -0.02 19.48 -23.98
N LYS A 13 -0.39 19.35 -25.25
CA LYS A 13 -1.68 18.78 -25.66
C LYS A 13 -1.51 17.43 -26.33
N TYR A 14 -2.46 16.54 -26.04
CA TYR A 14 -2.66 15.34 -26.80
C TYR A 14 -2.81 15.76 -28.27
N PRO A 15 -2.22 15.04 -29.22
CA PRO A 15 -1.52 13.77 -29.01
C PRO A 15 0.01 13.83 -28.92
N ASP A 16 0.58 14.92 -28.42
CA ASP A 16 2.02 14.99 -28.18
C ASP A 16 2.55 13.72 -27.50
N PRO A 17 3.62 13.14 -28.05
CA PRO A 17 4.14 11.87 -27.54
C PRO A 17 4.84 11.94 -26.17
N ILE A 18 5.23 13.14 -25.72
CA ILE A 18 5.77 13.29 -24.38
C ILE A 18 4.77 12.74 -23.34
N LEU A 19 3.47 12.89 -23.61
CA LEU A 19 2.43 12.45 -22.70
C LEU A 19 2.35 10.93 -22.61
N ARG A 20 3.02 10.23 -23.52
CA ARG A 20 2.94 8.78 -23.60
C ARG A 20 4.17 8.08 -23.02
N ARG A 21 5.17 8.87 -22.65
CA ARG A 21 6.38 8.31 -22.07
C ARG A 21 6.18 7.92 -20.59
N ARG A 22 7.02 7.02 -20.10
CA ARG A 22 7.10 6.79 -18.67
C ARG A 22 8.02 7.85 -18.05
N SER A 23 7.44 8.79 -17.30
CA SER A 23 8.25 9.80 -16.60
C SER A 23 9.29 9.17 -15.67
N GLU A 24 10.41 9.86 -15.51
CA GLU A 24 11.56 9.33 -14.78
C GLU A 24 11.55 9.77 -13.33
N GLU A 25 11.96 8.85 -12.45
CA GLU A 25 12.13 9.18 -11.03
C GLU A 25 13.03 10.41 -10.82
N VAL A 26 12.65 11.29 -9.90
CA VAL A 26 13.51 12.38 -9.48
C VAL A 26 14.56 11.79 -8.54
N THR A 27 15.83 12.14 -8.76
CA THR A 27 16.91 11.69 -7.89
C THR A 27 17.55 12.86 -7.13
N ASN A 28 17.47 14.06 -7.67
CA ASN A 28 18.03 15.24 -7.00
C ASN A 28 16.97 16.14 -6.38
N PHE A 29 16.91 16.16 -5.05
CA PHE A 29 15.94 16.99 -4.37
C PHE A 29 16.59 18.30 -3.95
N ASP A 30 16.92 19.11 -4.96
CA ASP A 30 17.71 20.33 -4.79
C ASP A 30 16.97 21.60 -5.22
N ASP A 31 17.72 22.49 -5.87
CA ASP A 31 17.20 23.80 -6.28
C ASP A 31 16.48 23.75 -7.64
N ASN A 32 17.02 22.97 -8.58
CA ASN A 32 16.34 22.73 -9.83
C ASN A 32 14.90 22.22 -9.60
N LEU A 33 14.78 21.20 -8.76
CA LEU A 33 13.47 20.64 -8.40
C LEU A 33 12.52 21.71 -7.88
N LYS A 34 13.03 22.55 -6.98
CA LYS A 34 12.24 23.63 -6.40
C LYS A 34 11.75 24.61 -7.46
N ARG A 35 12.61 24.88 -8.44
CA ARG A 35 12.27 25.79 -9.54
C ARG A 35 11.22 25.14 -10.44
N VAL A 36 11.47 23.90 -10.84
CA VAL A 36 10.50 23.13 -11.62
C VAL A 36 9.13 23.09 -10.95
N VAL A 37 9.09 22.80 -9.66
CA VAL A 37 7.83 22.70 -8.93
C VAL A 37 7.11 24.04 -8.88
N ARG A 38 7.86 25.13 -8.68
CA ARG A 38 7.26 26.46 -8.68
C ARG A 38 6.67 26.82 -10.06
N LYS A 39 7.42 26.49 -11.12
CA LYS A 39 6.92 26.64 -12.48
C LYS A 39 5.61 25.87 -12.68
N MET A 40 5.53 24.64 -12.17
CA MET A 40 4.32 23.83 -12.30
C MET A 40 3.12 24.50 -11.63
N PHE A 41 3.35 25.03 -10.42
CA PHE A 41 2.29 25.73 -9.71
C PHE A 41 1.85 26.98 -10.48
N ASP A 42 2.81 27.77 -10.95
CA ASP A 42 2.52 28.99 -11.70
C ASP A 42 1.64 28.66 -12.90
N ILE A 43 2.07 27.69 -13.69
CA ILE A 43 1.31 27.29 -14.85
C ILE A 43 -0.07 26.75 -14.46
N MET A 44 -0.12 25.95 -13.40
CA MET A 44 -1.40 25.44 -12.90
C MET A 44 -2.37 26.56 -12.52
N TYR A 45 -1.90 27.55 -11.77
CA TYR A 45 -2.76 28.68 -11.39
C TYR A 45 -3.24 29.45 -12.60
N GLU A 46 -2.35 29.68 -13.55
CA GLU A 46 -2.69 30.39 -14.79
C GLU A 46 -3.78 29.65 -15.59
N SER A 47 -3.68 28.34 -15.68
CA SER A 47 -4.66 27.54 -16.42
C SER A 47 -5.91 27.22 -15.59
N LYS A 48 -5.96 27.72 -14.37
CA LYS A 48 -7.07 27.42 -13.46
C LYS A 48 -7.30 25.91 -13.29
N GLY A 49 -6.21 25.17 -13.17
CA GLY A 49 -6.30 23.73 -13.01
C GLY A 49 -6.39 23.36 -11.56
N ILE A 50 -6.98 22.21 -11.27
CA ILE A 50 -7.05 21.74 -9.91
C ILE A 50 -5.78 20.96 -9.58
N GLY A 51 -5.04 20.58 -10.62
CA GLY A 51 -3.80 19.83 -10.47
C GLY A 51 -3.00 19.83 -11.76
N LEU A 52 -1.80 19.30 -11.69
CA LEU A 52 -0.91 19.26 -12.83
C LEU A 52 0.17 18.21 -12.66
N SER A 53 0.55 17.58 -13.77
CA SER A 53 1.66 16.66 -13.75
C SER A 53 2.82 17.21 -14.62
N ALA A 54 4.05 16.84 -14.26
CA ALA A 54 5.23 17.34 -14.95
C ALA A 54 5.22 17.14 -16.47
N PRO A 55 4.84 15.97 -16.96
CA PRO A 55 4.82 15.72 -18.40
C PRO A 55 3.99 16.78 -19.11
N GLN A 56 2.94 17.28 -18.46
CA GLN A 56 2.05 18.27 -19.06
C GLN A 56 2.69 19.64 -19.26
N VAL A 57 3.83 19.88 -18.62
CA VAL A 57 4.58 21.09 -18.94
C VAL A 57 5.90 20.71 -19.59
N ASN A 58 5.92 19.54 -20.21
CA ASN A 58 7.04 19.13 -21.02
C ASN A 58 8.26 18.71 -20.21
N ILE A 59 8.02 18.24 -18.98
CA ILE A 59 9.10 17.71 -18.14
C ILE A 59 8.78 16.26 -17.77
N SER A 60 9.56 15.32 -18.29
CA SER A 60 9.30 13.90 -18.09
C SER A 60 9.83 13.36 -16.75
N LYS A 61 9.32 13.91 -15.65
CA LYS A 61 9.76 13.58 -14.30
C LYS A 61 8.55 13.22 -13.48
N ARG A 62 8.72 12.37 -12.47
CA ARG A 62 7.61 11.92 -11.64
C ARG A 62 7.24 12.94 -10.57
N ILE A 63 6.54 13.99 -11.00
CA ILE A 63 6.13 15.05 -10.11
C ILE A 63 4.69 15.39 -10.43
N ILE A 64 3.90 15.50 -9.38
CA ILE A 64 2.51 15.87 -9.43
C ILE A 64 2.29 16.99 -8.39
N VAL A 65 1.49 17.98 -8.73
CA VAL A 65 1.09 19.00 -7.76
C VAL A 65 -0.39 19.21 -7.83
N TRP A 66 -0.93 19.92 -6.87
CA TRP A 66 -2.33 20.26 -6.97
C TRP A 66 -2.70 21.34 -5.96
N ASN A 67 -3.89 21.91 -6.12
CA ASN A 67 -4.50 22.73 -5.07
C ASN A 67 -5.89 22.22 -4.68
N ARG A 79 -0.40 20.72 -2.48
CA ARG A 79 0.92 20.13 -2.21
C ARG A 79 1.60 19.42 -3.40
N ILE A 80 2.63 18.66 -3.04
CA ILE A 80 3.65 18.18 -3.96
C ILE A 80 3.87 16.68 -3.72
N PHE A 81 3.85 15.90 -4.80
CA PHE A 81 4.10 14.47 -4.68
C PHE A 81 5.13 14.09 -5.72
N ILE A 82 6.29 13.64 -5.25
CA ILE A 82 7.39 13.22 -6.11
C ILE A 82 7.55 11.71 -6.02
N ASN A 83 7.82 11.08 -7.16
CA ASN A 83 7.96 9.64 -7.24
C ASN A 83 6.86 8.89 -6.49
N PRO A 84 5.60 9.19 -6.80
CA PRO A 84 4.48 8.53 -6.12
C PRO A 84 4.26 7.08 -6.57
N SER A 85 3.59 6.32 -5.72
CA SER A 85 3.11 5.00 -6.10
C SER A 85 1.72 4.87 -5.53
N ILE A 86 0.90 4.05 -6.21
CA ILE A 86 -0.39 3.67 -5.71
C ILE A 86 -0.34 2.19 -5.47
N VAL A 87 -0.61 1.77 -4.25
CA VAL A 87 -0.29 0.41 -3.88
C VAL A 87 -1.47 -0.39 -3.32
N GLU A 88 -2.62 0.27 -3.12
CA GLU A 88 -3.86 -0.44 -2.76
C GLU A 88 -5.06 0.46 -3.01
N GLN A 89 -6.25 -0.11 -2.90
CA GLN A 89 -7.47 0.59 -3.28
C GLN A 89 -8.66 -0.03 -2.58
N SER A 90 -9.70 0.76 -2.37
CA SER A 90 -10.99 0.24 -1.92
C SER A 90 -11.56 -0.78 -2.93
N LEU A 91 -12.47 -1.64 -2.47
CA LEU A 91 -13.32 -2.44 -3.38
C LEU A 91 -14.27 -1.50 -4.13
N VAL A 92 -14.77 -0.47 -3.45
CA VAL A 92 -15.71 0.47 -4.03
C VAL A 92 -15.02 1.27 -5.13
N LYS A 93 -15.58 1.21 -6.34
CA LYS A 93 -15.15 2.05 -7.44
C LYS A 93 -16.35 2.83 -7.91
N LEU A 94 -16.10 3.98 -8.53
CA LEU A 94 -17.16 4.77 -9.13
C LEU A 94 -16.67 5.51 -10.36
N LYS A 95 -17.61 5.83 -11.25
CA LYS A 95 -17.34 6.66 -12.40
C LYS A 95 -17.60 8.12 -12.07
N LEU A 96 -16.62 8.95 -12.43
CA LEU A 96 -16.75 10.40 -12.39
C LEU A 96 -16.36 10.96 -13.73
N ILE A 97 -17.05 12.01 -14.15
CA ILE A 97 -16.67 12.74 -15.35
C ILE A 97 -15.41 13.54 -15.07
N GLU A 98 -14.39 13.31 -15.89
CA GLU A 98 -13.13 14.03 -15.76
C GLU A 98 -12.89 14.89 -16.98
N GLY A 99 -12.19 15.99 -16.79
CA GLY A 99 -11.54 16.69 -17.89
C GLY A 99 -10.04 16.62 -17.68
N CYS A 100 -9.27 17.06 -18.67
CA CYS A 100 -7.82 17.04 -18.60
C CYS A 100 -7.30 18.25 -19.35
N LEU A 101 -6.38 18.97 -18.72
CA LEU A 101 -5.75 20.15 -19.32
C LEU A 101 -5.06 19.81 -20.64
N SER A 102 -4.73 18.55 -20.86
CA SER A 102 -4.10 18.17 -22.11
C SER A 102 -5.13 17.84 -23.21
N PHE A 103 -6.42 17.91 -22.87
CA PHE A 103 -7.48 17.57 -23.83
C PHE A 103 -8.57 18.65 -23.82
N PRO A 104 -8.33 19.79 -24.45
CA PRO A 104 -9.31 20.89 -24.41
C PRO A 104 -10.66 20.41 -24.97
N GLY A 105 -11.76 20.74 -24.30
CA GLY A 105 -13.08 20.40 -24.77
C GLY A 105 -13.50 18.95 -24.58
N ILE A 106 -12.65 18.13 -23.98
CA ILE A 106 -13.00 16.72 -23.85
C ILE A 106 -13.38 16.30 -22.41
N GLU A 107 -14.54 15.68 -22.26
CA GLU A 107 -14.93 15.13 -20.96
C GLU A 107 -15.54 13.76 -21.11
N GLY A 108 -15.42 12.93 -20.08
CA GLY A 108 -16.06 11.63 -20.10
C GLY A 108 -15.89 10.95 -18.77
N LYS A 109 -16.72 9.95 -18.53
CA LYS A 109 -16.71 9.19 -17.29
C LYS A 109 -15.51 8.26 -17.21
N VAL A 110 -14.89 8.20 -16.04
CA VAL A 110 -13.79 7.26 -15.78
C VAL A 110 -14.08 6.54 -14.47
N GLU A 111 -14.00 5.21 -14.52
CA GLU A 111 -14.23 4.43 -13.33
C GLU A 111 -12.90 4.27 -12.59
N ARG A 112 -12.86 4.65 -11.31
CA ARG A 112 -11.67 4.45 -10.50
C ARG A 112 -12.07 4.12 -9.05
N PRO A 113 -11.18 3.43 -8.31
CA PRO A 113 -11.41 3.22 -6.88
C PRO A 113 -11.71 4.52 -6.16
N SER A 114 -12.65 4.45 -5.24
CA SER A 114 -13.01 5.60 -4.41
C SER A 114 -11.80 6.01 -3.53
N ILE A 115 -11.11 5.02 -2.97
CA ILE A 115 -10.04 5.28 -1.98
C ILE A 115 -8.77 4.58 -2.47
N VAL A 116 -7.62 5.26 -2.36
CA VAL A 116 -6.34 4.65 -2.72
C VAL A 116 -5.30 4.86 -1.63
N SER A 117 -4.38 3.91 -1.55
CA SER A 117 -3.30 3.97 -0.59
C SER A 117 -2.07 4.27 -1.41
N ILE A 118 -1.31 5.28 -0.99
CA ILE A 118 -0.21 5.80 -1.81
C ILE A 118 1.07 5.99 -1.02
N SER A 119 2.16 6.16 -1.74
CA SER A 119 3.39 6.67 -1.17
C SER A 119 3.98 7.68 -2.14
N TYR A 120 4.79 8.57 -1.59
CA TYR A 120 5.44 9.60 -2.37
C TYR A 120 6.55 10.26 -1.55
N TYR A 121 7.31 11.12 -2.19
CA TYR A 121 8.37 11.86 -1.50
C TYR A 121 8.05 13.34 -1.55
N ASP A 122 8.42 14.08 -0.49
CA ASP A 122 8.21 15.52 -0.48
C ASP A 122 9.37 16.23 -1.14
N ILE A 123 9.32 17.57 -1.19
CA ILE A 123 10.36 18.33 -1.88
C ILE A 123 11.76 18.10 -1.29
N ASN A 124 11.81 17.70 -0.03
CA ASN A 124 13.10 17.44 0.58
C ASN A 124 13.59 16.01 0.48
N GLY A 125 12.75 15.13 -0.08
CA GLY A 125 13.14 13.74 -0.28
C GLY A 125 12.71 12.77 0.81
N TYR A 126 11.93 13.23 1.78
CA TYR A 126 11.36 12.36 2.81
C TYR A 126 10.16 11.56 2.27
N LYS A 127 10.05 10.30 2.67
CA LYS A 127 8.97 9.45 2.19
C LYS A 127 7.75 9.58 3.08
N HIS A 128 6.57 9.58 2.46
CA HIS A 128 5.31 9.66 3.17
C HIS A 128 4.34 8.57 2.70
N LEU A 129 3.57 8.04 3.64
CA LEU A 129 2.57 7.04 3.35
C LEU A 129 1.21 7.69 3.64
N LYS A 130 0.25 7.59 2.72
CA LYS A 130 -1.01 8.29 2.91
C LYS A 130 -2.15 7.49 2.30
N ILE A 131 -3.34 7.65 2.87
CA ILE A 131 -4.55 7.17 2.26
C ILE A 131 -5.39 8.35 1.76
N LEU A 132 -5.82 8.29 0.51
CA LEU A 132 -6.59 9.39 -0.06
C LEU A 132 -8.01 8.94 -0.35
N LYS A 133 -8.95 9.87 -0.19
CA LYS A 133 -10.33 9.57 -0.52
C LYS A 133 -10.96 10.73 -1.29
N GLY A 134 -12.22 10.55 -1.71
CA GLY A 134 -13.00 11.61 -2.32
C GLY A 134 -12.24 12.28 -3.47
N ILE A 135 -12.20 13.61 -3.41
CA ILE A 135 -11.69 14.41 -4.52
C ILE A 135 -10.18 14.25 -4.69
N HIS A 136 -9.46 14.19 -3.56
CA HIS A 136 -8.02 14.07 -3.59
C HIS A 136 -7.63 12.73 -4.17
N SER A 137 -8.35 11.68 -3.80
CA SER A 137 -8.11 10.38 -4.39
C SER A 137 -8.29 10.43 -5.91
N ARG A 138 -9.36 11.07 -6.35
CA ARG A 138 -9.63 11.14 -7.79
C ARG A 138 -8.54 11.88 -8.57
N ILE A 139 -8.23 13.08 -8.11
CA ILE A 139 -7.24 13.91 -8.79
C ILE A 139 -5.91 13.18 -8.82
N PHE A 140 -5.54 12.61 -7.68
CA PHE A 140 -4.23 11.97 -7.57
C PHE A 140 -4.10 10.84 -8.58
N GLN A 141 -5.14 10.03 -8.72
CA GLN A 141 -5.10 8.91 -9.66
C GLN A 141 -4.96 9.40 -11.13
N HIS A 142 -5.69 10.45 -11.47
CA HIS A 142 -5.67 10.97 -12.82
C HIS A 142 -4.25 11.45 -13.12
N GLU A 143 -3.69 12.24 -12.21
CA GLU A 143 -2.34 12.77 -12.37
C GLU A 143 -1.25 11.70 -12.33
N PHE A 144 -1.44 10.71 -11.47
CA PHE A 144 -0.49 9.60 -11.38
C PHE A 144 -0.37 8.91 -12.74
N ASP A 145 -1.52 8.65 -13.37
CA ASP A 145 -1.53 8.04 -14.69
C ASP A 145 -0.67 8.81 -15.70
N HIS A 146 -0.75 10.14 -15.69
CA HIS A 146 0.07 10.95 -16.58
C HIS A 146 1.56 10.54 -16.49
N LEU A 147 2.02 10.17 -15.29
CA LEU A 147 3.44 9.87 -15.09
C LEU A 147 3.79 8.56 -15.73
N ASN A 148 2.77 7.73 -15.97
CA ASN A 148 2.99 6.43 -16.59
C ASN A 148 2.66 6.40 -18.08
N GLY A 149 2.32 7.55 -18.66
CA GLY A 149 1.98 7.61 -20.08
C GLY A 149 0.53 7.19 -20.32
N THR A 150 -0.25 7.14 -19.25
CA THR A 150 -1.67 6.79 -19.33
C THR A 150 -2.52 8.05 -19.28
N LEU A 151 -3.47 8.14 -20.19
CA LEU A 151 -4.31 9.31 -20.37
C LEU A 151 -5.74 8.89 -20.12
N PHE A 152 -6.58 9.81 -19.63
CA PHE A 152 -7.92 9.41 -19.13
C PHE A 152 -8.84 8.78 -20.18
N ILE A 153 -8.67 9.16 -21.45
CA ILE A 153 -9.41 8.53 -22.54
C ILE A 153 -9.14 7.03 -22.62
N ASP A 154 -7.96 6.57 -22.20
CA ASP A 154 -7.64 5.15 -22.24
C ASP A 154 -8.56 4.35 -21.33
N LYS A 155 -9.13 5.00 -20.32
CA LYS A 155 -9.86 4.31 -19.25
C LYS A 155 -11.32 4.73 -19.24
N MET A 156 -11.69 5.58 -20.20
CA MET A 156 -13.05 6.08 -20.30
C MET A 156 -14.06 4.98 -20.61
N THR A 157 -15.29 5.12 -20.13
CA THR A 157 -16.36 4.18 -20.52
C THR A 157 -16.47 4.10 -22.03
N GLN A 158 -16.82 2.92 -22.52
CA GLN A 158 -17.00 2.71 -23.96
C GLN A 158 -17.98 3.72 -24.57
N VAL A 159 -19.10 3.97 -23.89
CA VAL A 159 -20.09 4.94 -24.35
C VAL A 159 -19.51 6.35 -24.48
N ASP A 160 -18.83 6.83 -23.45
CA ASP A 160 -18.30 8.20 -23.48
C ASP A 160 -17.15 8.33 -24.47
N LYS A 161 -16.39 7.24 -24.63
CA LYS A 161 -15.33 7.19 -25.63
C LYS A 161 -15.92 7.53 -27.00
N LYS A 162 -16.97 6.81 -27.38
CA LYS A 162 -17.63 7.05 -28.65
C LYS A 162 -18.14 8.50 -28.78
N LYS A 163 -18.77 9.01 -27.73
CA LYS A 163 -19.29 10.38 -27.75
C LYS A 163 -18.18 11.39 -28.04
N VAL A 164 -16.96 11.08 -27.60
CA VAL A 164 -15.86 12.02 -27.60
C VAL A 164 -14.90 11.80 -28.79
N ARG A 165 -15.06 10.67 -29.47
CA ARG A 165 -14.23 10.28 -30.60
C ARG A 165 -14.04 11.35 -31.71
N PRO A 166 -15.13 11.92 -32.22
CA PRO A 166 -15.00 12.97 -33.24
C PRO A 166 -14.10 14.09 -32.72
N LYS A 167 -14.24 14.45 -31.45
CA LYS A 167 -13.42 15.53 -30.89
C LYS A 167 -11.95 15.14 -30.72
N LEU A 168 -11.69 13.88 -30.38
CA LEU A 168 -10.32 13.39 -30.32
C LEU A 168 -9.65 13.43 -31.70
N ASN A 169 -10.40 13.04 -32.72
CA ASN A 169 -9.92 13.08 -34.10
C ASN A 169 -9.49 14.49 -34.49
N GLU A 170 -10.31 15.47 -34.15
CA GLU A 170 -9.94 16.88 -34.36
C GLU A 170 -8.70 17.33 -33.60
N LEU A 171 -8.56 16.91 -32.35
CA LEU A 171 -7.35 17.22 -31.60
C LEU A 171 -6.14 16.63 -32.34
N ILE A 172 -6.27 15.39 -32.80
CA ILE A 172 -5.19 14.75 -33.55
C ILE A 172 -4.89 15.52 -34.85
N ARG A 173 -5.94 15.97 -35.52
CA ARG A 173 -5.81 16.74 -36.77
C ARG A 173 -5.10 18.09 -36.60
N ASP A 174 -5.23 18.74 -35.43
CA ASP A 174 -4.43 19.93 -35.08
C ASP A 174 -3.58 19.69 -33.84
N LYS B 10 -3.16 -25.40 23.52
CA LYS B 10 -3.51 -24.01 23.12
C LYS B 10 -2.72 -23.58 21.87
N ILE B 11 -1.50 -23.07 22.05
CA ILE B 11 -0.73 -22.57 20.92
C ILE B 11 0.27 -23.58 20.37
N VAL B 12 0.29 -23.74 19.05
CA VAL B 12 1.30 -24.61 18.48
C VAL B 12 2.70 -23.98 18.51
N LYS B 13 3.70 -24.83 18.72
CA LYS B 13 5.07 -24.39 18.91
C LYS B 13 5.96 -24.86 17.79
N TYR B 14 6.99 -24.06 17.50
CA TYR B 14 8.14 -24.53 16.74
C TYR B 14 8.59 -25.87 17.32
N PRO B 15 8.98 -26.86 16.50
CA PRO B 15 9.08 -26.73 15.03
C PRO B 15 7.92 -27.37 14.26
N ASP B 16 6.72 -27.43 14.85
CA ASP B 16 5.56 -27.91 14.11
C ASP B 16 5.45 -27.29 12.70
N PRO B 17 5.32 -28.11 11.66
CA PRO B 17 5.32 -27.63 10.26
C PRO B 17 4.05 -26.89 9.79
N ILE B 18 2.97 -26.91 10.58
CA ILE B 18 1.83 -26.08 10.25
C ILE B 18 2.26 -24.59 10.19
N LEU B 19 3.22 -24.23 11.03
CA LEU B 19 3.76 -22.88 11.11
C LEU B 19 4.51 -22.46 9.84
N ARG B 20 4.85 -23.42 8.98
CA ARG B 20 5.63 -23.16 7.77
C ARG B 20 4.79 -23.16 6.48
N ARG B 21 3.49 -23.39 6.61
CA ARG B 21 2.59 -23.41 5.47
C ARG B 21 2.14 -21.99 5.13
N ARG B 22 1.70 -21.78 3.90
CA ARG B 22 1.07 -20.52 3.57
C ARG B 22 -0.42 -20.65 3.92
N SER B 23 -0.87 -19.92 4.94
CA SER B 23 -2.29 -19.92 5.30
C SER B 23 -3.18 -19.50 4.15
N GLU B 24 -4.42 -19.97 4.17
CA GLU B 24 -5.33 -19.82 3.05
C GLU B 24 -6.24 -18.64 3.29
N GLU B 25 -6.55 -17.91 2.24
CA GLU B 25 -7.53 -16.82 2.33
C GLU B 25 -8.86 -17.30 2.90
N VAL B 26 -9.50 -16.49 3.72
CA VAL B 26 -10.85 -16.76 4.19
C VAL B 26 -11.81 -16.35 3.07
N THR B 27 -12.80 -17.19 2.78
CA THR B 27 -13.82 -16.90 1.76
C THR B 27 -15.21 -16.75 2.40
N ASN B 28 -15.41 -17.39 3.54
CA ASN B 28 -16.72 -17.33 4.19
C ASN B 28 -16.71 -16.49 5.45
N PHE B 29 -17.35 -15.33 5.37
CA PHE B 29 -17.41 -14.43 6.51
C PHE B 29 -18.71 -14.66 7.27
N ASP B 30 -18.81 -15.82 7.89
CA ASP B 30 -20.04 -16.30 8.52
C ASP B 30 -19.90 -16.54 10.03
N ASP B 31 -20.53 -17.62 10.49
CA ASP B 31 -20.56 -17.98 11.91
C ASP B 31 -19.33 -18.78 12.34
N ASN B 32 -18.89 -19.70 11.48
CA ASN B 32 -17.63 -20.39 11.67
C ASN B 32 -16.51 -19.41 12.00
N LEU B 33 -16.32 -18.45 11.11
CA LEU B 33 -15.31 -17.40 11.23
C LEU B 33 -15.40 -16.72 12.59
N LYS B 34 -16.61 -16.35 13.00
CA LYS B 34 -16.84 -15.66 14.26
C LYS B 34 -16.42 -16.52 15.44
N ARG B 35 -16.66 -17.83 15.33
CA ARG B 35 -16.31 -18.76 16.41
C ARG B 35 -14.79 -18.92 16.46
N VAL B 36 -14.19 -19.13 15.29
CA VAL B 36 -12.73 -19.19 15.16
C VAL B 36 -12.07 -17.97 15.78
N VAL B 37 -12.57 -16.78 15.43
CA VAL B 37 -11.98 -15.55 15.90
C VAL B 37 -12.13 -15.40 17.42
N ARG B 38 -13.28 -15.82 17.93
CA ARG B 38 -13.54 -15.84 19.37
C ARG B 38 -12.58 -16.79 20.10
N LYS B 39 -12.37 -17.97 19.54
CA LYS B 39 -11.35 -18.89 20.04
C LYS B 39 -9.96 -18.26 20.10
N MET B 40 -9.56 -17.59 19.03
CA MET B 40 -8.24 -16.97 18.94
C MET B 40 -8.07 -15.93 20.03
N PHE B 41 -9.10 -15.13 20.28
CA PHE B 41 -9.04 -14.15 21.35
C PHE B 41 -8.92 -14.82 22.72
N ASP B 42 -9.76 -15.81 22.97
CA ASP B 42 -9.74 -16.53 24.25
C ASP B 42 -8.35 -17.08 24.52
N ILE B 43 -7.81 -17.81 23.55
CA ILE B 43 -6.46 -18.34 23.68
C ILE B 43 -5.43 -17.23 23.85
N MET B 44 -5.58 -16.13 23.12
CA MET B 44 -4.65 -15.02 23.25
C MET B 44 -4.66 -14.44 24.66
N TYR B 45 -5.85 -14.25 25.22
CA TYR B 45 -5.99 -13.71 26.58
C TYR B 45 -5.37 -14.64 27.61
N GLU B 46 -5.64 -15.94 27.46
CA GLU B 46 -5.09 -16.96 28.34
C GLU B 46 -3.55 -16.97 28.34
N SER B 47 -2.95 -16.82 27.16
CA SER B 47 -1.50 -16.86 27.00
C SER B 47 -0.85 -15.51 27.27
N LYS B 48 -1.67 -14.53 27.62
CA LYS B 48 -1.19 -13.16 27.86
C LYS B 48 -0.41 -12.61 26.66
N GLY B 49 -0.88 -12.92 25.46
CA GLY B 49 -0.22 -12.46 24.26
C GLY B 49 -0.74 -11.12 23.82
N ILE B 50 0.08 -10.37 23.12
CA ILE B 50 -0.35 -9.06 22.64
C ILE B 50 -1.05 -9.23 21.30
N GLY B 51 -0.91 -10.40 20.70
CA GLY B 51 -1.51 -10.69 19.42
C GLY B 51 -1.38 -12.17 19.09
N LEU B 52 -2.07 -12.61 18.04
CA LEU B 52 -2.06 -14.02 17.67
C LEU B 52 -2.44 -14.21 16.22
N SER B 53 -1.82 -15.18 15.57
CA SER B 53 -2.21 -15.55 14.22
C SER B 53 -2.86 -16.93 14.23
N ALA B 54 -3.72 -17.18 13.26
CA ALA B 54 -4.49 -18.43 13.18
C ALA B 54 -3.64 -19.70 13.19
N PRO B 55 -2.59 -19.74 12.38
CA PRO B 55 -1.72 -20.93 12.32
C PRO B 55 -1.26 -21.32 13.72
N GLN B 56 -1.03 -20.34 14.58
CA GLN B 56 -0.58 -20.63 15.93
C GLN B 56 -1.62 -21.32 16.82
N VAL B 57 -2.86 -21.39 16.34
CA VAL B 57 -3.85 -22.22 17.01
C VAL B 57 -4.28 -23.36 16.10
N ASN B 58 -3.38 -23.74 15.19
CA ASN B 58 -3.59 -24.89 14.31
C ASN B 58 -4.70 -24.66 13.28
N ILE B 59 -4.92 -23.41 12.91
CA ILE B 59 -5.85 -23.07 11.83
C ILE B 59 -5.09 -22.34 10.72
N SER B 60 -4.98 -22.97 9.56
CA SER B 60 -4.19 -22.41 8.46
C SER B 60 -5.00 -21.42 7.58
N LYS B 61 -5.56 -20.40 8.23
CA LYS B 61 -6.34 -19.36 7.56
C LYS B 61 -5.71 -17.99 7.83
N ARG B 62 -5.86 -17.06 6.88
CA ARG B 62 -5.25 -15.73 7.01
C ARG B 62 -6.05 -14.84 7.95
N ILE B 63 -5.86 -15.05 9.25
CA ILE B 63 -6.54 -14.26 10.26
C ILE B 63 -5.50 -13.89 11.30
N ILE B 64 -5.52 -12.63 11.71
CA ILE B 64 -4.69 -12.09 12.76
C ILE B 64 -5.59 -11.34 13.74
N VAL B 65 -5.29 -11.44 15.04
CA VAL B 65 -5.99 -10.63 16.04
C VAL B 65 -4.99 -9.97 16.94
N TRP B 66 -5.42 -8.94 17.65
CA TRP B 66 -4.56 -8.39 18.69
C TRP B 66 -5.37 -7.64 19.73
N ASN B 67 -4.72 -7.30 20.84
CA ASN B 67 -5.33 -6.41 21.81
C ASN B 67 -4.60 -5.07 21.88
N ARG B 79 -8.68 -5.84 17.87
CA ARG B 79 -9.18 -5.84 16.50
C ARG B 79 -8.77 -7.08 15.67
N ILE B 80 -9.40 -7.22 14.51
CA ILE B 80 -9.37 -8.40 13.66
C ILE B 80 -8.91 -8.02 12.26
N PHE B 81 -8.01 -8.81 11.69
CA PHE B 81 -7.55 -8.58 10.32
C PHE B 81 -7.59 -9.88 9.55
N ILE B 82 -8.44 -9.90 8.52
CA ILE B 82 -8.59 -11.06 7.68
C ILE B 82 -8.01 -10.78 6.29
N ASN B 83 -7.40 -11.79 5.70
CA ASN B 83 -6.72 -11.66 4.43
C ASN B 83 -5.95 -10.35 4.30
N PRO B 84 -5.02 -10.09 5.21
CA PRO B 84 -4.24 -8.84 5.18
C PRO B 84 -3.19 -8.81 4.07
N SER B 85 -2.82 -7.61 3.66
CA SER B 85 -1.65 -7.44 2.81
C SER B 85 -0.85 -6.28 3.35
N ILE B 86 0.46 -6.32 3.11
CA ILE B 86 1.33 -5.17 3.41
C ILE B 86 1.88 -4.70 2.09
N VAL B 87 1.72 -3.42 1.78
CA VAL B 87 1.91 -3.01 0.40
C VAL B 87 2.85 -1.84 0.25
N GLU B 88 3.21 -1.21 1.36
CA GLU B 88 4.25 -0.18 1.36
C GLU B 88 4.82 -0.02 2.77
N GLN B 89 5.89 0.75 2.87
CA GLN B 89 6.67 0.88 4.09
C GLN B 89 7.43 2.19 4.10
N SER B 90 7.72 2.70 5.29
CA SER B 90 8.64 3.82 5.44
C SER B 90 10.04 3.44 4.93
N LEU B 91 10.83 4.46 4.56
CA LEU B 91 12.28 4.27 4.40
C LEU B 91 12.93 3.87 5.73
N VAL B 92 12.48 4.47 6.83
CA VAL B 92 13.03 4.22 8.14
C VAL B 92 12.72 2.79 8.58
N LYS B 93 13.75 2.06 8.96
CA LYS B 93 13.59 0.72 9.55
C LYS B 93 14.31 0.73 10.87
N LEU B 94 13.95 -0.18 11.76
CA LEU B 94 14.65 -0.35 13.02
C LEU B 94 14.56 -1.77 13.52
N LYS B 95 15.56 -2.15 14.32
CA LYS B 95 15.55 -3.43 15.01
C LYS B 95 14.86 -3.30 16.36
N LEU B 96 13.95 -4.24 16.60
CA LEU B 96 13.34 -4.39 17.92
C LEU B 96 13.47 -5.85 18.32
N ILE B 97 13.72 -6.07 19.61
CA ILE B 97 13.72 -7.42 20.14
C ILE B 97 12.29 -7.94 20.21
N GLU B 98 12.06 -9.09 19.59
CA GLU B 98 10.73 -9.70 19.53
C GLU B 98 10.76 -11.02 20.25
N GLY B 99 9.61 -11.39 20.81
CA GLY B 99 9.38 -12.75 21.23
C GLY B 99 8.27 -13.31 20.35
N CYS B 100 8.00 -14.60 20.49
CA CYS B 100 6.92 -15.24 19.76
C CYS B 100 6.31 -16.32 20.65
N LEU B 101 4.99 -16.34 20.75
CA LEU B 101 4.32 -17.39 21.52
C LEU B 101 4.62 -18.79 21.01
N SER B 102 5.10 -18.92 19.78
CA SER B 102 5.44 -20.25 19.26
C SER B 102 6.88 -20.63 19.57
N PHE B 103 7.61 -19.74 20.23
CA PHE B 103 9.01 -19.98 20.62
C PHE B 103 9.25 -19.57 22.08
N PRO B 104 8.71 -20.32 23.04
CA PRO B 104 8.96 -20.01 24.46
C PRO B 104 10.47 -19.85 24.72
N GLY B 105 10.83 -18.81 25.46
CA GLY B 105 12.22 -18.55 25.78
C GLY B 105 13.08 -17.88 24.72
N ILE B 106 12.58 -17.74 23.50
CA ILE B 106 13.41 -17.24 22.40
C ILE B 106 13.14 -15.75 22.09
N GLU B 107 14.17 -14.93 22.20
CA GLU B 107 14.09 -13.53 21.80
C GLU B 107 15.27 -13.17 20.93
N GLY B 108 15.07 -12.19 20.05
CA GLY B 108 16.13 -11.67 19.21
C GLY B 108 15.69 -10.44 18.44
N LYS B 109 16.65 -9.65 18.01
CA LYS B 109 16.41 -8.42 17.27
C LYS B 109 15.94 -8.72 15.86
N VAL B 110 14.92 -7.99 15.41
CA VAL B 110 14.42 -8.11 14.04
C VAL B 110 14.31 -6.73 13.44
N GLU B 111 14.82 -6.58 12.23
CA GLU B 111 14.77 -5.29 11.57
C GLU B 111 13.52 -5.22 10.70
N ARG B 112 12.69 -4.21 10.91
CA ARG B 112 11.49 -4.04 10.09
C ARG B 112 11.24 -2.55 9.89
N PRO B 113 10.54 -2.22 8.82
CA PRO B 113 10.07 -0.85 8.64
C PRO B 113 9.27 -0.35 9.85
N SER B 114 9.51 0.91 10.19
CA SER B 114 8.82 1.57 11.28
C SER B 114 7.33 1.69 10.94
N ILE B 115 7.03 2.06 9.71
CA ILE B 115 5.64 2.34 9.32
C ILE B 115 5.30 1.44 8.14
N VAL B 116 4.12 0.85 8.15
CA VAL B 116 3.69 0.07 6.98
C VAL B 116 2.31 0.46 6.56
N SER B 117 2.04 0.25 5.28
CA SER B 117 0.74 0.52 4.72
C SER B 117 0.08 -0.82 4.43
N ILE B 118 -1.18 -0.97 4.84
CA ILE B 118 -1.80 -2.28 4.80
C ILE B 118 -3.22 -2.27 4.25
N SER B 119 -3.70 -3.45 3.89
CA SER B 119 -5.11 -3.67 3.66
C SER B 119 -5.53 -4.99 4.28
N TYR B 120 -6.81 -5.10 4.61
CA TYR B 120 -7.38 -6.31 5.22
C TYR B 120 -8.91 -6.24 5.18
N TYR B 121 -9.56 -7.31 5.60
CA TYR B 121 -11.01 -7.37 5.60
C TYR B 121 -11.45 -7.53 7.04
N ASP B 122 -12.57 -6.90 7.43
CA ASP B 122 -13.11 -7.11 8.78
C ASP B 122 -13.96 -8.39 8.85
N ILE B 123 -14.53 -8.67 10.02
CA ILE B 123 -15.26 -9.92 10.19
C ILE B 123 -16.48 -10.03 9.27
N ASN B 124 -16.97 -8.89 8.79
CA ASN B 124 -18.11 -8.92 7.90
C ASN B 124 -17.73 -8.94 6.43
N GLY B 125 -16.42 -8.84 6.13
CA GLY B 125 -15.95 -8.94 4.76
C GLY B 125 -15.71 -7.62 4.04
N TYR B 126 -15.83 -6.51 4.76
CA TYR B 126 -15.54 -5.18 4.20
C TYR B 126 -14.02 -4.91 4.18
N LYS B 127 -13.54 -4.31 3.09
CA LYS B 127 -12.11 -4.03 2.95
C LYS B 127 -11.77 -2.72 3.64
N HIS B 128 -10.62 -2.68 4.29
CA HIS B 128 -10.11 -1.49 4.95
C HIS B 128 -8.68 -1.22 4.52
N LEU B 129 -8.35 0.06 4.38
CA LEU B 129 -6.99 0.49 4.08
C LEU B 129 -6.49 1.22 5.32
N LYS B 130 -5.29 0.90 5.80
CA LYS B 130 -4.77 1.53 6.99
C LYS B 130 -3.25 1.76 6.91
N ILE B 131 -2.77 2.77 7.61
CA ILE B 131 -1.34 2.94 7.82
C ILE B 131 -1.04 2.68 9.28
N LEU B 132 -0.11 1.78 9.56
CA LEU B 132 0.25 1.45 10.93
C LEU B 132 1.63 1.99 11.30
N LYS B 133 1.75 2.45 12.54
CA LYS B 133 3.06 2.88 13.05
C LYS B 133 3.34 2.30 14.44
N GLY B 134 4.54 2.58 14.94
CA GLY B 134 4.91 2.24 16.30
C GLY B 134 4.68 0.77 16.57
N ILE B 135 4.01 0.50 17.68
CA ILE B 135 3.83 -0.86 18.19
C ILE B 135 2.90 -1.68 17.30
N HIS B 136 1.85 -1.04 16.80
CA HIS B 136 0.87 -1.73 15.96
C HIS B 136 1.54 -2.18 14.67
N SER B 137 2.37 -1.31 14.09
CA SER B 137 3.10 -1.67 12.88
C SER B 137 3.93 -2.94 13.18
N ARG B 138 4.63 -2.93 14.30
CA ARG B 138 5.54 -4.03 14.62
C ARG B 138 4.80 -5.35 14.81
N ILE B 139 3.75 -5.32 15.61
CA ILE B 139 3.02 -6.54 15.91
C ILE B 139 2.41 -7.07 14.63
N PHE B 140 1.83 -6.18 13.84
CA PHE B 140 1.11 -6.61 12.63
C PHE B 140 2.04 -7.33 11.66
N GLN B 141 3.23 -6.78 11.48
CA GLN B 141 4.21 -7.38 10.57
C GLN B 141 4.66 -8.77 11.04
N HIS B 142 4.91 -8.91 12.35
CA HIS B 142 5.31 -10.19 12.90
C HIS B 142 4.21 -11.21 12.64
N GLU B 143 2.97 -10.85 12.96
CA GLU B 143 1.83 -11.73 12.76
C GLU B 143 1.52 -12.02 11.30
N PHE B 144 1.64 -11.01 10.46
CA PHE B 144 1.43 -11.18 9.02
C PHE B 144 2.38 -12.28 8.53
N ASP B 145 3.64 -12.22 8.95
CA ASP B 145 4.60 -13.23 8.55
C ASP B 145 4.10 -14.66 8.90
N HIS B 146 3.54 -14.85 10.10
CA HIS B 146 3.03 -16.17 10.47
C HIS B 146 2.13 -16.71 9.35
N LEU B 147 1.35 -15.83 8.72
CA LEU B 147 0.41 -16.22 7.66
C LEU B 147 1.11 -16.74 6.42
N ASN B 148 2.36 -16.32 6.22
CA ASN B 148 3.13 -16.76 5.05
C ASN B 148 4.12 -17.86 5.35
N GLY B 149 4.10 -18.36 6.57
CA GLY B 149 5.00 -19.44 6.94
C GLY B 149 6.38 -18.92 7.29
N THR B 150 6.47 -17.61 7.53
CA THR B 150 7.72 -16.95 7.93
C THR B 150 7.69 -16.74 9.44
N LEU B 151 8.80 -17.11 10.09
CA LEU B 151 8.94 -17.04 11.53
C LEU B 151 10.03 -16.05 11.84
N PHE B 152 9.95 -15.37 12.99
CA PHE B 152 10.84 -14.22 13.25
C PHE B 152 12.34 -14.58 13.25
N ILE B 153 12.67 -15.80 13.65
CA ILE B 153 14.03 -16.31 13.57
C ILE B 153 14.59 -16.21 12.13
N ASP B 154 13.72 -16.33 11.12
CA ASP B 154 14.17 -16.22 9.72
C ASP B 154 14.74 -14.84 9.42
N LYS B 155 14.35 -13.83 10.19
CA LYS B 155 14.64 -12.43 9.84
C LYS B 155 15.52 -11.79 10.87
N MET B 156 15.94 -12.55 11.88
CA MET B 156 16.79 -12.01 12.91
C MET B 156 18.06 -11.44 12.29
N THR B 157 18.70 -10.51 12.97
CA THR B 157 20.02 -10.03 12.54
C THR B 157 20.96 -11.22 12.39
N GLN B 158 21.99 -11.06 11.57
CA GLN B 158 23.03 -12.08 11.42
C GLN B 158 23.57 -12.55 12.78
N VAL B 159 23.91 -11.60 13.64
CA VAL B 159 24.40 -11.92 14.98
C VAL B 159 23.38 -12.77 15.76
N ASP B 160 22.11 -12.35 15.78
CA ASP B 160 21.10 -13.10 16.54
C ASP B 160 20.69 -14.46 15.91
N LYS B 161 20.90 -14.63 14.61
CA LYS B 161 20.61 -15.91 13.99
C LYS B 161 21.59 -16.95 14.48
N LYS B 162 22.86 -16.55 14.59
CA LYS B 162 23.90 -17.45 15.05
C LYS B 162 23.72 -17.76 16.53
N LYS B 163 23.38 -16.75 17.32
CA LYS B 163 23.20 -16.94 18.75
C LYS B 163 21.90 -17.68 19.09
N VAL B 164 20.97 -17.75 18.14
CA VAL B 164 19.66 -18.32 18.45
C VAL B 164 19.62 -19.83 18.20
N ARG B 165 20.49 -20.33 17.32
CA ARG B 165 20.49 -21.75 16.92
C ARG B 165 20.57 -22.75 18.09
N PRO B 166 21.57 -22.60 18.98
CA PRO B 166 21.63 -23.44 20.18
C PRO B 166 20.36 -23.29 21.01
N LYS B 167 19.83 -22.07 21.14
CA LYS B 167 18.58 -21.90 21.88
C LYS B 167 17.43 -22.66 21.24
N LEU B 168 17.41 -22.68 19.91
CA LEU B 168 16.42 -23.41 19.16
C LEU B 168 16.53 -24.91 19.43
N ASN B 169 17.77 -25.42 19.47
CA ASN B 169 18.01 -26.83 19.78
C ASN B 169 17.43 -27.19 21.16
N GLU B 170 17.65 -26.33 22.15
CA GLU B 170 17.14 -26.57 23.50
C GLU B 170 15.61 -26.47 23.55
N LEU B 171 15.06 -25.56 22.75
CA LEU B 171 13.61 -25.45 22.65
C LEU B 171 13.06 -26.78 22.10
N ILE B 172 13.65 -27.26 21.01
CA ILE B 172 13.21 -28.53 20.43
C ILE B 172 13.27 -29.68 21.46
N ARG B 173 14.36 -29.77 22.22
CA ARG B 173 14.46 -30.82 23.24
C ARG B 173 13.38 -30.67 24.31
N ASP B 174 13.17 -29.43 24.76
CA ASP B 174 12.18 -29.12 25.79
C ASP B 174 10.78 -29.48 25.34
N TYR B 175 10.53 -29.43 24.04
CA TYR B 175 9.21 -29.82 23.59
C TYR B 175 9.10 -31.32 23.31
N LYS B 176 10.09 -32.06 23.81
CA LYS B 176 10.13 -33.54 23.85
C LYS B 176 9.83 -34.21 22.51
CO CO C . -4.65 15.44 -16.94
C10 BRR D . -9.53 14.77 -12.74
C9 BRR D . -8.22 15.55 -12.66
C8 BRR D . -8.37 17.00 -13.13
C7 BRR D . -7.00 17.62 -13.41
C6 BRR D . -7.04 18.54 -14.64
C11 BRR D . -7.83 19.78 -14.29
O12 BRR D . -7.43 20.52 -13.38
O13 BRR D . -8.85 20.04 -14.91
C5 BRR D . -5.60 18.97 -14.98
N3 BRR D . -4.88 17.79 -15.42
C2 BRR D . -4.10 17.14 -14.59
O1 BRR D . -3.50 16.13 -14.95
O4 BRR D . -4.94 17.22 -16.68
C5 BL5 E . -13.72 15.22 -11.22
C4 BL5 E . -12.53 15.31 -10.52
C3 BL5 E . -12.53 15.25 -9.13
C2 BL5 E . -13.74 15.08 -8.45
C1 BL5 E . -14.93 14.99 -9.15
C6 BL5 E . -14.94 15.07 -10.55
N7 BL5 E . -16.07 14.99 -11.28
C8 BL5 E . -17.34 15.16 -10.89
O9 BL5 E . -17.72 15.34 -9.73
C10 BL5 E . -18.35 15.20 -12.05
C11 BL5 E . -18.50 16.68 -12.40
C12 BL5 E . -19.32 16.91 -13.69
C13 BL5 E . -19.16 18.38 -14.14
C14 BL5 E . -20.47 18.90 -14.74
N15 BL5 E . -20.29 19.19 -16.15
N16 BL5 E . -19.66 14.59 -11.67
C17 BL5 E . -19.98 13.32 -11.98
O18 BL5 E . -19.22 12.57 -12.60
C19 BL5 E . -21.39 12.80 -11.52
C20 BL5 E . -22.31 12.67 -12.73
C21 BL5 E . -22.77 14.03 -13.31
C22 BL5 E . -23.64 13.83 -14.56
C23 BL5 E . -23.69 15.11 -15.39
C24 BL5 E . -21.34 11.36 -10.91
N25 BL5 E . -21.10 11.26 -9.43
N26 BL5 E . -20.81 12.55 -8.96
C27 BL5 E . -20.53 12.45 -7.51
C32 BL5 E . -19.66 13.70 -7.21
C31 BL5 E . -18.93 13.57 -5.87
C30 BL5 E . -17.46 13.99 -5.95
C29 BL5 E . -16.51 12.80 -6.03
C28 BL5 E . -15.33 12.91 -5.06
C34 BL5 E . -20.54 14.98 -7.24
O33 BL5 E . -21.45 15.16 -6.43
N35 BL5 E . -20.22 15.85 -8.21
C41 BL5 E . -20.90 17.16 -8.35
C40 BL5 E . -19.85 18.26 -8.46
C39 BL5 E . -18.93 18.32 -7.24
C38 BL5 E . -18.08 19.60 -7.30
C37 BL5 E . -16.85 19.52 -6.40
N36 BL5 E . -16.07 20.77 -6.51
C43 BL5 E . -21.74 17.23 -9.62
O42 BL5 E . -21.36 16.65 -10.63
N44 BL5 E . -22.87 17.96 -9.49
C45 BL5 E . -23.75 18.25 -10.47
C46 BL5 E . -24.61 19.34 -10.33
C47 BL5 E . -25.52 19.67 -11.32
C48 BL5 E . -25.63 18.88 -12.46
C49 BL5 E . -24.77 17.79 -12.61
C50 BL5 E . -23.84 17.47 -11.63
CO CO F . 4.56 -15.07 16.70
C10 BRR G . 6.35 -9.18 18.10
C9 BRR G . 4.88 -9.56 18.30
C8 BRR G . 4.67 -10.36 19.59
C7 BRR G . 3.51 -11.33 19.40
C6 BRR G . 3.60 -12.54 20.35
C11 BRR G . 3.40 -12.08 21.80
O12 BRR G . 2.33 -11.55 22.14
O13 BRR G . 4.26 -12.26 22.65
C5 BRR G . 2.49 -13.55 19.97
N3 BRR G . 2.76 -14.04 18.63
C2 BRR G . 2.15 -13.54 17.58
O1 BRR G . 2.42 -13.95 16.45
O4 BRR G . 3.71 -15.00 18.28
C5 BL5 H . 8.45 -5.85 20.37
C4 BL5 H . 7.18 -5.78 19.80
C3 BL5 H . 6.52 -4.56 19.74
C2 BL5 H . 7.13 -3.41 20.25
C1 BL5 H . 8.40 -3.48 20.80
C6 BL5 H . 9.07 -4.70 20.87
N7 BL5 H . 10.30 -4.81 21.40
C8 BL5 H . 10.90 -3.87 22.15
O9 BL5 H . 10.48 -2.74 22.34
C10 BL5 H . 12.20 -4.34 22.83
C11 BL5 H . 11.79 -4.82 24.22
C12 BL5 H . 12.95 -5.54 24.91
C13 BL5 H . 12.51 -6.30 26.16
C14 BL5 H . 13.74 -6.74 26.96
N15 BL5 H . 13.34 -7.55 28.12
N16 BL5 H . 13.18 -3.26 22.93
C17 BL5 H . 14.15 -3.04 22.03
O18 BL5 H . 14.28 -3.76 21.05
C19 BL5 H . 15.16 -1.87 22.27
C20 BL5 H . 16.47 -2.54 22.68
C21 BL5 H . 16.39 -3.32 24.01
C22 BL5 H . 17.79 -3.62 24.60
C23 BL5 H . 17.71 -4.62 25.77
C24 BL5 H . 15.52 -1.07 20.98
N25 BL5 H . 14.71 0.15 20.68
N26 BL5 H . 13.49 0.00 21.38
C27 BL5 H . 12.54 1.13 21.17
C32 BL5 H . 11.24 0.69 21.91
C31 BL5 H . 9.98 1.44 21.47
C30 BL5 H . 9.61 1.20 20.00
C29 BL5 H . 8.33 0.38 19.83
C28 BL5 H . 7.72 0.61 18.43
C34 BL5 H . 11.37 0.79 23.45
O33 BL5 H . 11.66 1.84 24.01
N35 BL5 H . 11.08 -0.34 24.11
C41 BL5 H . 11.06 -0.45 25.59
C40 BL5 H . 9.88 -1.34 26.01
C39 BL5 H . 8.54 -0.74 25.58
C38 BL5 H . 7.34 -1.52 26.15
C37 BL5 H . 6.00 -0.89 25.71
N36 BL5 H . 4.86 -1.60 26.34
C43 BL5 H . 12.34 -1.08 26.14
O42 BL5 H . 12.95 -1.95 25.50
N44 BL5 H . 12.70 -0.61 27.33
C45 BL5 H . 13.73 -1.04 28.06
C46 BL5 H . 13.70 -0.90 29.45
C47 BL5 H . 14.77 -1.32 30.21
C48 BL5 H . 15.88 -1.90 29.61
C49 BL5 H . 15.93 -2.04 28.22
C50 BL5 H . 14.86 -1.62 27.45
#